data_4WUJ
#
_entry.id   4WUJ
#
_cell.length_a   44.342
_cell.length_b   102.225
_cell.length_c   71.550
_cell.angle_alpha   90.000
_cell.angle_beta   91.070
_cell.angle_gamma   90.000
#
_symmetry.space_group_name_H-M   'P 1 21 1'
#
loop_
_entity.id
_entity.type
_entity.pdbx_description
1 polymer 'Glycoside hydrolase family 15, cellulose signaling associated protein envoy'
2 non-polymer 'FLAVIN MONONUCLEOTIDE'
3 non-polymer 'SULFATE ION'
4 water water
#
_entity_poly.entity_id   1
_entity_poly.type   'polypeptide(L)'
_entity_poly.pdbx_seq_one_letter_code
;GAMDGIYSASGIDVMGILLRIASRPNPTIDLGPLDCSVSLTLCDISLPDAPIVYASPGFYQLTGYSAPEIMGRNCRFLQN
SPHMPPPGRVSDAVQEMRRAIRAHQEVQVRIVNYKKNGTPFTNVVTILPLWADPSGHHFAVGLQAEL
;
_entity_poly.pdbx_strand_id   A,B,C,D
#
# COMPACT_ATOMS: atom_id res chain seq x y z
N GLY A 1 35.47 28.30 19.73
CA GLY A 1 34.68 27.34 18.98
C GLY A 1 33.26 27.24 19.51
N ALA A 2 32.99 27.87 20.65
CA ALA A 2 31.66 27.77 21.19
C ALA A 2 30.67 28.56 20.28
N MET A 3 31.18 29.37 19.36
CA MET A 3 30.29 30.16 18.46
C MET A 3 30.08 29.49 17.08
N ASP A 4 30.64 28.30 16.89
CA ASP A 4 30.49 27.55 15.63
C ASP A 4 28.98 27.44 15.31
N GLY A 5 28.50 27.95 14.18
CA GLY A 5 27.11 27.70 13.71
C GLY A 5 25.98 28.37 14.50
N ILE A 6 26.31 29.30 15.40
CA ILE A 6 25.25 29.95 16.19
C ILE A 6 24.28 30.80 15.34
N TYR A 7 24.70 31.12 14.13
CA TYR A 7 23.83 31.90 13.25
C TYR A 7 23.07 30.97 12.24
N SER A 8 23.15 29.64 12.43
CA SER A 8 22.15 28.74 11.82
C SER A 8 21.67 27.72 12.85
N ALA A 9 20.50 27.98 13.43
CA ALA A 9 19.84 27.04 14.33
C ALA A 9 19.66 25.64 13.67
N SER A 10 19.41 25.61 12.38
CA SER A 10 19.22 24.35 11.67
C SER A 10 20.55 23.65 11.37
N GLY A 11 21.65 24.37 11.55
CA GLY A 11 22.93 23.92 11.03
C GLY A 11 22.98 23.83 9.50
N ILE A 12 21.93 24.27 8.83
CA ILE A 12 22.01 24.35 7.39
C ILE A 12 22.63 25.69 7.03
N ASP A 13 23.51 25.67 6.06
CA ASP A 13 24.16 26.86 5.64
C ASP A 13 23.43 27.40 4.42
N VAL A 14 22.34 28.16 4.64
CA VAL A 14 21.56 28.68 3.50
C VAL A 14 22.41 29.56 2.61
N MET A 15 23.26 30.38 3.22
CA MET A 15 24.24 31.16 2.48
C MET A 15 25.14 30.40 1.50
N GLY A 16 25.60 29.21 1.87
CA GLY A 16 26.24 28.32 0.91
C GLY A 16 25.36 28.12 -0.33
N ILE A 17 24.06 27.97 -0.10
CA ILE A 17 23.11 27.80 -1.20
C ILE A 17 22.96 29.06 -2.03
N LEU A 18 22.87 30.21 -1.35
CA LEU A 18 22.89 31.52 -2.00
C LEU A 18 24.11 31.67 -2.90
N LEU A 19 25.27 31.27 -2.40
CA LEU A 19 26.49 31.31 -3.19
C LEU A 19 26.36 30.49 -4.51
N ARG A 20 25.73 29.32 -4.42
CA ARG A 20 25.55 28.48 -5.58
C ARG A 20 24.60 29.15 -6.57
N ILE A 21 23.54 29.75 -6.05
CA ILE A 21 22.64 30.47 -6.91
C ILE A 21 23.41 31.51 -7.71
N ALA A 22 24.23 32.31 -7.04
CA ALA A 22 24.95 33.41 -7.71
C ALA A 22 25.99 32.89 -8.69
N SER A 23 26.48 31.68 -8.44
CA SER A 23 27.55 31.09 -9.25
C SER A 23 27.06 30.25 -10.41
N ARG A 24 25.74 30.14 -10.62
CA ARG A 24 25.27 29.17 -11.59
C ARG A 24 25.51 29.71 -12.99
N PRO A 25 26.00 28.85 -13.89
CA PRO A 25 26.22 29.37 -15.25
C PRO A 25 24.91 29.35 -16.04
N ASN A 26 24.78 30.24 -17.01
CA ASN A 26 23.59 30.24 -17.85
C ASN A 26 22.34 30.29 -16.98
N PRO A 27 22.31 31.23 -16.01
CA PRO A 27 21.09 31.47 -15.23
C PRO A 27 20.00 31.97 -16.15
N THR A 28 18.80 31.39 -16.07
CA THR A 28 17.69 31.84 -16.94
C THR A 28 16.65 32.71 -16.21
N ILE A 29 16.53 32.56 -14.90
CA ILE A 29 15.61 33.38 -14.10
C ILE A 29 16.32 34.33 -13.10
N ASP A 30 15.92 35.59 -13.06
CA ASP A 30 16.39 36.49 -12.02
C ASP A 30 15.39 36.55 -10.88
N LEU A 31 15.86 36.17 -9.69
CA LEU A 31 15.03 36.12 -8.48
C LEU A 31 14.61 37.51 -7.98
N GLY A 32 15.39 38.52 -8.33
CA GLY A 32 15.27 39.84 -7.71
C GLY A 32 15.67 39.77 -6.24
N PRO A 33 15.25 40.74 -5.43
CA PRO A 33 15.71 40.70 -4.03
C PRO A 33 15.02 39.62 -3.19
N LEU A 34 15.79 39.02 -2.28
CA LEU A 34 15.25 38.17 -1.23
C LEU A 34 15.50 38.80 0.13
N ASP A 35 14.48 38.81 0.98
CA ASP A 35 14.75 39.11 2.37
C ASP A 35 14.45 37.91 3.26
N CYS A 36 14.61 38.09 4.57
CA CYS A 36 14.60 36.96 5.50
C CYS A 36 13.22 36.39 5.77
N SER A 37 12.21 37.07 5.26
CA SER A 37 10.84 36.56 5.32
C SER A 37 10.48 35.65 4.14
N VAL A 38 11.41 35.48 3.19
CA VAL A 38 11.14 34.70 1.99
C VAL A 38 10.73 33.25 2.32
N SER A 39 9.69 32.78 1.65
CA SER A 39 9.38 31.36 1.62
C SER A 39 10.37 30.55 0.75
N LEU A 40 11.03 29.59 1.37
CA LEU A 40 12.17 28.91 0.77
C LEU A 40 12.19 27.46 1.27
N THR A 41 12.35 26.53 0.34
CA THR A 41 12.54 25.15 0.73
C THR A 41 13.83 24.65 0.12
N LEU A 42 14.47 23.73 0.80
CA LEU A 42 15.59 23.03 0.19
C LEU A 42 15.19 21.58 0.08
N CYS A 43 15.27 21.01 -1.11
CA CYS A 43 15.01 19.57 -1.18
C CYS A 43 16.23 18.80 -1.67
N ASP A 44 16.49 17.62 -1.07
CA ASP A 44 17.56 16.75 -1.54
C ASP A 44 17.08 15.81 -2.68
N ILE A 45 17.37 16.22 -3.89
CA ILE A 45 17.09 15.45 -5.08
C ILE A 45 17.87 14.15 -5.13
N SER A 46 18.92 14.02 -4.30
CA SER A 46 19.77 12.83 -4.39
C SER A 46 19.12 11.72 -3.58
N LEU A 47 18.07 12.09 -2.86
CA LEU A 47 17.29 11.16 -2.07
C LEU A 47 15.99 10.93 -2.81
N PRO A 48 15.32 9.81 -2.54
CA PRO A 48 14.19 9.36 -3.36
C PRO A 48 12.96 10.26 -3.20
N ASP A 49 12.45 10.76 -4.32
CA ASP A 49 11.33 11.72 -4.31
C ASP A 49 11.64 13.10 -3.67
N ALA A 50 12.86 13.57 -3.82
CA ALA A 50 13.18 14.96 -3.51
C ALA A 50 12.60 15.50 -2.19
N PRO A 51 12.91 14.88 -1.06
CA PRO A 51 12.38 15.26 0.25
C PRO A 51 12.86 16.63 0.78
N ILE A 52 12.01 17.29 1.52
CA ILE A 52 12.33 18.59 2.10
C ILE A 52 13.30 18.37 3.24
N VAL A 53 14.45 19.02 3.17
CA VAL A 53 15.40 18.97 4.29
C VAL A 53 15.52 20.34 4.99
N TYR A 54 14.91 21.38 4.43
CA TYR A 54 14.88 22.66 5.11
C TYR A 54 13.75 23.51 4.55
N ALA A 55 13.13 24.25 5.46
CA ALA A 55 12.13 25.24 5.09
C ALA A 55 12.33 26.45 5.98
N SER A 56 12.21 27.65 5.39
CA SER A 56 12.43 28.89 6.12
C SER A 56 11.22 29.21 7.00
N PRO A 57 11.40 30.07 7.99
CA PRO A 57 10.24 30.59 8.74
C PRO A 57 9.17 31.16 7.80
N GLY A 58 9.63 31.76 6.72
CA GLY A 58 8.69 32.38 5.81
C GLY A 58 7.78 31.34 5.16
N PHE A 59 8.29 30.14 4.91
CA PHE A 59 7.45 29.07 4.32
C PHE A 59 6.37 28.62 5.32
N TYR A 60 6.76 28.45 6.59
CA TYR A 60 5.81 28.02 7.63
C TYR A 60 4.73 29.07 7.78
N GLN A 61 5.15 30.32 7.74
CA GLN A 61 4.22 31.40 7.89
C GLN A 61 3.22 31.45 6.72
N LEU A 62 3.73 31.32 5.49
CA LEU A 62 2.90 31.27 4.30
C LEU A 62 1.87 30.14 4.32
N THR A 63 2.30 28.96 4.74
CA THR A 63 1.49 27.74 4.56
C THR A 63 0.68 27.32 5.82
N GLY A 64 1.06 27.82 6.98
CA GLY A 64 0.51 27.38 8.26
C GLY A 64 1.01 26.02 8.76
N TYR A 65 1.85 25.33 8.00
CA TYR A 65 2.41 24.04 8.45
C TYR A 65 3.59 24.26 9.41
N SER A 66 4.04 23.20 10.06
CA SER A 66 5.19 23.30 10.96
C SER A 66 6.22 22.28 10.53
N ALA A 67 7.42 22.33 11.10
CA ALA A 67 8.50 21.44 10.68
C ALA A 67 8.17 19.94 10.76
N PRO A 68 7.65 19.47 11.90
CA PRO A 68 7.40 18.01 11.90
C PRO A 68 6.38 17.56 10.84
N GLU A 69 5.54 18.47 10.40
CA GLU A 69 4.45 18.11 9.53
C GLU A 69 4.90 18.01 8.10
N ILE A 70 6.06 18.58 7.77
CA ILE A 70 6.50 18.60 6.38
C ILE A 70 7.88 18.06 6.10
N MET A 71 8.76 18.02 7.09
CA MET A 71 10.13 17.54 6.85
C MET A 71 10.12 16.14 6.27
N GLY A 72 10.92 15.95 5.24
CA GLY A 72 11.07 14.65 4.62
C GLY A 72 10.04 14.36 3.54
N ARG A 73 9.08 15.25 3.34
CA ARG A 73 8.02 15.06 2.35
C ARG A 73 8.36 15.79 1.05
N ASN A 74 7.79 15.31 -0.07
CA ASN A 74 7.90 15.97 -1.36
C ASN A 74 7.01 17.21 -1.30
N CYS A 75 7.43 18.31 -1.91
CA CYS A 75 6.62 19.55 -1.91
C CYS A 75 5.20 19.45 -2.53
N ARG A 76 4.94 18.39 -3.31
CA ARG A 76 3.68 18.27 -4.08
C ARG A 76 2.45 18.23 -3.19
N PHE A 77 2.58 17.83 -1.93
CA PHE A 77 1.46 17.90 -1.00
C PHE A 77 0.83 19.28 -1.02
N LEU A 78 1.62 20.33 -1.23
CA LEU A 78 1.03 21.68 -1.32
C LEU A 78 -0.11 21.78 -2.37
N GLN A 79 -0.11 20.89 -3.35
CA GLN A 79 -1.10 20.91 -4.45
C GLN A 79 -2.46 20.36 -4.08
N ASN A 80 -2.57 19.90 -2.84
CA ASN A 80 -3.78 19.30 -2.35
C ASN A 80 -4.17 19.84 -0.98
N SER A 81 -5.46 19.99 -0.75
CA SER A 81 -5.94 20.27 0.59
C SER A 81 -5.95 18.99 1.40
N VAL A 90 -5.39 17.84 -12.76
CA VAL A 90 -4.52 18.80 -12.07
C VAL A 90 -3.77 19.69 -13.08
N SER A 91 -3.27 20.81 -12.58
CA SER A 91 -2.56 21.84 -13.36
C SER A 91 -1.38 21.37 -14.26
N ASP A 92 -1.26 22.01 -15.42
CA ASP A 92 -0.13 21.88 -16.33
C ASP A 92 1.21 22.44 -15.76
N ALA A 93 1.14 23.26 -14.72
CA ALA A 93 2.34 23.68 -14.00
C ALA A 93 3.06 22.45 -13.43
N VAL A 94 2.30 21.50 -12.87
CA VAL A 94 2.89 20.27 -12.32
C VAL A 94 3.89 19.60 -13.28
N GLN A 95 3.46 19.36 -14.51
CA GLN A 95 4.30 18.70 -15.49
C GLN A 95 5.45 19.56 -15.93
N GLU A 96 5.21 20.88 -16.04
CA GLU A 96 6.33 21.81 -16.29
C GLU A 96 7.43 21.73 -15.19
N MET A 97 7.03 21.61 -13.93
CA MET A 97 7.99 21.44 -12.82
C MET A 97 8.65 20.04 -12.88
N ARG A 98 7.86 18.99 -13.06
CA ARG A 98 8.40 17.63 -13.19
C ARG A 98 9.50 17.56 -14.24
N ARG A 99 9.24 18.08 -15.41
CA ARG A 99 10.21 17.97 -16.48
C ARG A 99 11.45 18.81 -16.24
N ALA A 100 11.27 19.99 -15.66
CA ALA A 100 12.41 20.86 -15.47
C ALA A 100 13.31 20.26 -14.43
N ILE A 101 12.71 19.78 -13.35
CA ILE A 101 13.47 19.19 -12.26
C ILE A 101 14.26 18.01 -12.81
N ARG A 102 13.60 17.13 -13.56
CA ARG A 102 14.26 16.01 -14.24
C ARG A 102 15.46 16.45 -15.09
N ALA A 103 15.33 17.54 -15.84
CA ALA A 103 16.44 18.02 -16.64
C ALA A 103 17.44 18.90 -15.85
N HIS A 104 17.19 19.06 -14.55
CA HIS A 104 17.95 20.02 -13.74
C HIS A 104 17.89 21.47 -14.28
N GLN A 105 16.76 21.83 -14.88
CA GLN A 105 16.56 23.18 -15.40
C GLN A 105 15.77 24.03 -14.39
N GLU A 106 16.06 25.32 -14.39
CA GLU A 106 15.34 26.30 -13.57
C GLU A 106 13.97 26.46 -14.14
N VAL A 107 12.97 26.56 -13.28
CA VAL A 107 11.62 26.71 -13.75
C VAL A 107 10.82 27.65 -12.80
N GLN A 108 9.90 28.42 -13.38
CA GLN A 108 9.02 29.21 -12.55
C GLN A 108 7.58 29.09 -13.05
N VAL A 109 6.64 28.91 -12.14
CA VAL A 109 5.28 28.68 -12.52
C VAL A 109 4.41 29.38 -11.51
N ARG A 110 3.16 29.64 -11.91
CA ARG A 110 2.12 29.93 -10.98
C ARG A 110 1.25 28.72 -10.84
N ILE A 111 0.82 28.43 -9.64
CA ILE A 111 0.04 27.26 -9.46
C ILE A 111 -0.72 27.39 -8.19
N VAL A 112 -1.88 26.76 -8.20
CA VAL A 112 -2.70 26.78 -7.02
C VAL A 112 -2.12 25.79 -5.98
N ASN A 113 -1.84 26.31 -4.79
CA ASN A 113 -1.53 25.48 -3.64
C ASN A 113 -2.51 25.74 -2.48
N TYR A 114 -2.36 24.97 -1.41
CA TYR A 114 -3.24 25.06 -0.24
C TYR A 114 -2.50 25.11 1.10
N LYS A 115 -2.93 26.02 1.95
CA LYS A 115 -2.37 26.16 3.29
C LYS A 115 -2.98 25.06 4.11
N LYS A 116 -2.49 24.90 5.35
CA LYS A 116 -2.87 23.78 6.19
C LYS A 116 -4.37 23.76 6.43
N ASN A 117 -4.96 24.94 6.60
CA ASN A 117 -6.38 25.03 6.91
C ASN A 117 -7.23 24.76 5.67
N GLY A 118 -6.57 24.50 4.54
CA GLY A 118 -7.25 24.20 3.31
C GLY A 118 -7.43 25.40 2.38
N THR A 119 -7.06 26.61 2.84
CA THR A 119 -7.20 27.81 2.00
C THR A 119 -6.32 27.73 0.76
N PRO A 120 -6.92 27.93 -0.42
CA PRO A 120 -6.10 27.92 -1.64
C PRO A 120 -5.35 29.21 -1.88
N PHE A 121 -4.16 29.15 -2.45
CA PHE A 121 -3.56 30.39 -2.94
C PHE A 121 -2.90 30.16 -4.27
N THR A 122 -2.63 31.24 -4.95
CA THR A 122 -1.83 31.22 -6.13
C THR A 122 -0.39 31.48 -5.66
N ASN A 123 0.44 30.48 -5.89
CA ASN A 123 1.80 30.44 -5.43
C ASN A 123 2.67 30.67 -6.62
N VAL A 124 3.54 31.67 -6.55
CA VAL A 124 4.54 31.84 -7.61
C VAL A 124 5.84 31.10 -7.19
N VAL A 125 6.03 29.92 -7.78
CA VAL A 125 7.07 28.98 -7.36
C VAL A 125 8.28 29.01 -8.30
N THR A 126 9.47 29.29 -7.76
CA THR A 126 10.72 29.21 -8.52
C THR A 126 11.59 28.09 -7.94
N ILE A 127 12.02 27.19 -8.82
CA ILE A 127 12.81 26.03 -8.46
C ILE A 127 14.12 26.13 -9.21
N LEU A 128 15.22 26.05 -8.47
CA LEU A 128 16.53 25.99 -9.07
C LEU A 128 17.14 24.68 -8.56
N PRO A 129 17.14 23.66 -9.45
CA PRO A 129 17.75 22.35 -9.14
C PRO A 129 19.21 22.47 -8.80
N LEU A 130 19.93 23.48 -9.28
CA LEU A 130 21.36 23.56 -9.00
C LEU A 130 21.99 22.18 -9.27
N TRP A 131 22.89 21.71 -8.42
CA TRP A 131 23.71 20.53 -8.77
C TRP A 131 24.10 19.70 -7.55
N ALA A 132 24.41 18.44 -7.81
CA ALA A 132 25.01 17.55 -6.82
C ALA A 132 26.37 18.11 -6.37
N ASP A 133 26.60 18.20 -5.07
CA ASP A 133 27.87 18.70 -4.55
C ASP A 133 28.83 17.50 -4.29
N PRO A 134 30.14 17.74 -4.11
CA PRO A 134 31.09 16.63 -4.01
C PRO A 134 30.71 15.55 -3.00
N SER A 135 30.02 15.89 -1.93
CA SER A 135 29.42 14.87 -1.05
C SER A 135 28.34 13.99 -1.72
N GLY A 136 27.92 14.34 -2.95
CA GLY A 136 26.77 13.71 -3.59
C GLY A 136 25.38 14.23 -3.24
N HIS A 137 25.21 14.90 -2.10
CA HIS A 137 23.92 15.57 -1.86
C HIS A 137 23.60 16.61 -2.97
N HIS A 138 22.33 16.85 -3.23
CA HIS A 138 21.91 17.65 -4.39
C HIS A 138 20.75 18.51 -3.94
N PHE A 139 21.08 19.66 -3.37
CA PHE A 139 20.08 20.53 -2.79
C PHE A 139 19.46 21.45 -3.85
N ALA A 140 18.16 21.31 -4.01
CA ALA A 140 17.40 22.11 -4.94
C ALA A 140 16.75 23.10 -4.07
N VAL A 141 16.66 24.36 -4.52
CA VAL A 141 15.97 25.37 -3.74
C VAL A 141 14.70 25.78 -4.45
N GLY A 142 13.64 25.90 -3.68
CA GLY A 142 12.40 26.44 -4.17
C GLY A 142 12.01 27.67 -3.38
N LEU A 143 11.59 28.69 -4.10
CA LEU A 143 11.05 29.87 -3.49
C LEU A 143 9.54 29.96 -3.78
N GLN A 144 8.76 30.26 -2.74
CA GLN A 144 7.32 30.42 -2.85
C GLN A 144 6.92 31.87 -2.53
N ALA A 145 5.78 32.28 -3.10
CA ALA A 145 5.21 33.60 -2.86
C ALA A 145 3.72 33.60 -3.23
N GLU A 146 2.92 34.09 -2.30
CA GLU A 146 1.51 34.23 -2.51
C GLU A 146 1.19 35.52 -3.31
N LEU A 147 0.60 35.37 -4.49
CA LEU A 147 0.20 36.53 -5.31
C LEU A 147 -1.28 36.87 -5.22
N GLY B 1 -33.68 -14.21 -10.15
CA GLY B 1 -32.87 -13.31 -10.97
C GLY B 1 -33.72 -12.16 -11.43
N ALA B 2 -33.18 -11.36 -12.35
CA ALA B 2 -31.86 -11.59 -12.89
C ALA B 2 -30.77 -11.19 -11.89
N MET B 3 -31.17 -10.60 -10.76
CA MET B 3 -30.19 -10.04 -9.85
C MET B 3 -29.67 -11.02 -8.80
N ASP B 4 -30.46 -12.07 -8.52
CA ASP B 4 -30.21 -13.02 -7.43
C ASP B 4 -28.74 -13.44 -7.34
N GLY B 5 -28.11 -13.09 -6.22
CA GLY B 5 -26.75 -13.56 -5.92
C GLY B 5 -25.66 -12.82 -6.64
N ILE B 6 -26.01 -11.71 -7.31
CA ILE B 6 -24.99 -10.91 -8.00
C ILE B 6 -23.94 -10.36 -7.04
N TYR B 7 -24.25 -10.28 -5.75
CA TYR B 7 -23.28 -9.73 -4.79
C TYR B 7 -22.47 -10.86 -4.09
N SER B 8 -22.63 -12.11 -4.56
CA SER B 8 -21.81 -13.26 -4.10
C SER B 8 -21.45 -14.18 -5.27
N ALA B 9 -20.27 -13.99 -5.84
CA ALA B 9 -19.79 -14.89 -6.90
C ALA B 9 -19.73 -16.36 -6.47
N SER B 10 -19.34 -16.59 -5.21
CA SER B 10 -19.29 -17.95 -4.69
C SER B 10 -20.68 -18.55 -4.53
N GLY B 11 -21.73 -17.73 -4.59
CA GLY B 11 -23.08 -18.18 -4.31
C GLY B 11 -23.33 -18.40 -2.83
N ILE B 12 -22.29 -18.41 -2.02
CA ILE B 12 -22.52 -18.58 -0.62
C ILE B 12 -22.85 -17.25 0.07
N ASP B 13 -23.79 -17.33 0.99
CA ASP B 13 -24.23 -16.19 1.76
C ASP B 13 -23.37 -16.03 2.99
N VAL B 14 -22.18 -15.45 2.83
CA VAL B 14 -21.19 -15.45 3.89
C VAL B 14 -21.58 -14.43 4.93
N MET B 15 -22.20 -13.35 4.48
CA MET B 15 -22.67 -12.34 5.40
C MET B 15 -23.84 -12.89 6.22
N GLY B 16 -24.67 -13.73 5.59
CA GLY B 16 -25.65 -14.50 6.32
C GLY B 16 -25.02 -15.27 7.48
N ILE B 17 -23.93 -15.97 7.23
CA ILE B 17 -23.30 -16.74 8.32
C ILE B 17 -22.69 -15.76 9.32
N LEU B 18 -22.10 -14.68 8.83
CA LEU B 18 -21.49 -13.73 9.74
C LEU B 18 -22.54 -13.19 10.70
N LEU B 19 -23.77 -13.07 10.24
CA LEU B 19 -24.84 -12.67 11.14
C LEU B 19 -25.12 -13.71 12.23
N ARG B 20 -25.20 -14.98 11.86
CA ARG B 20 -25.33 -16.05 12.86
C ARG B 20 -24.23 -15.98 13.92
N ILE B 21 -23.02 -15.62 13.48
CA ILE B 21 -21.89 -15.49 14.38
C ILE B 21 -22.14 -14.40 15.41
N ALA B 22 -22.53 -13.23 14.93
CA ALA B 22 -22.86 -12.15 15.84
C ALA B 22 -24.05 -12.54 16.73
N SER B 23 -24.95 -13.37 16.18
CA SER B 23 -26.20 -13.74 16.85
C SER B 23 -26.09 -14.98 17.76
N ARG B 24 -24.87 -15.51 17.94
CA ARG B 24 -24.69 -16.69 18.78
C ARG B 24 -25.01 -16.43 20.27
N PRO B 25 -25.77 -17.35 20.89
CA PRO B 25 -26.11 -17.32 22.32
C PRO B 25 -24.88 -17.42 23.22
N ASN B 26 -24.67 -16.39 24.03
CA ASN B 26 -23.65 -16.44 25.07
C ASN B 26 -22.26 -16.73 24.50
N PRO B 27 -21.79 -15.83 23.63
CA PRO B 27 -20.45 -15.92 23.07
C PRO B 27 -19.41 -15.74 24.16
N THR B 28 -18.32 -16.48 24.04
CA THR B 28 -17.25 -16.44 25.02
C THR B 28 -16.07 -15.65 24.48
N ILE B 29 -16.01 -15.45 23.17
CA ILE B 29 -15.00 -14.58 22.59
C ILE B 29 -15.68 -13.33 21.99
N ASP B 30 -15.15 -12.15 22.29
CA ASP B 30 -15.52 -10.94 21.54
C ASP B 30 -14.52 -10.74 20.42
N LEU B 31 -15.01 -10.73 19.19
CA LEU B 31 -14.13 -10.66 18.03
C LEU B 31 -13.70 -9.23 17.77
N GLY B 32 -14.50 -8.29 18.24
CA GLY B 32 -14.32 -6.91 17.84
C GLY B 32 -14.62 -6.77 16.37
N PRO B 33 -14.22 -5.66 15.78
CA PRO B 33 -14.68 -5.39 14.42
C PRO B 33 -14.12 -6.36 13.37
N LEU B 34 -14.97 -6.80 12.44
CA LEU B 34 -14.57 -7.47 11.20
C LEU B 34 -14.78 -6.54 10.01
N ASP B 35 -13.79 -6.41 9.13
CA ASP B 35 -14.04 -5.83 7.82
C ASP B 35 -13.90 -6.90 6.69
N CYS B 36 -13.96 -6.49 5.43
CA CYS B 36 -14.03 -7.42 4.30
C CYS B 36 -12.66 -7.92 3.82
N SER B 37 -11.59 -7.45 4.49
CA SER B 37 -10.24 -7.98 4.29
C SER B 37 -9.91 -9.16 5.24
N VAL B 38 -10.88 -9.58 6.02
CA VAL B 38 -10.62 -10.58 7.05
C VAL B 38 -10.31 -11.97 6.44
N SER B 39 -9.34 -12.67 7.04
CA SER B 39 -9.08 -14.07 6.65
C SER B 39 -10.11 -14.93 7.30
N LEU B 40 -10.85 -15.67 6.46
CA LEU B 40 -11.98 -16.45 6.92
C LEU B 40 -12.05 -17.71 6.11
N THR B 41 -12.26 -18.83 6.80
CA THR B 41 -12.61 -20.07 6.09
C THR B 41 -13.98 -20.57 6.55
N LEU B 42 -14.72 -21.20 5.64
CA LEU B 42 -15.93 -21.89 6.03
C LEU B 42 -15.71 -23.39 5.91
N CYS B 43 -15.89 -24.13 7.00
CA CYS B 43 -15.90 -25.61 6.90
C CYS B 43 -17.25 -26.32 7.20
N ASP B 44 -17.60 -27.32 6.38
CA ASP B 44 -18.76 -28.17 6.65
C ASP B 44 -18.42 -29.31 7.60
N ILE B 45 -18.58 -29.08 8.88
CA ILE B 45 -18.35 -30.15 9.82
C ILE B 45 -19.44 -31.22 9.80
N SER B 46 -20.42 -31.15 8.91
CA SER B 46 -21.43 -32.24 8.81
C SER B 46 -20.93 -33.31 7.84
N LEU B 47 -19.79 -33.02 7.22
CA LEU B 47 -19.12 -33.91 6.31
C LEU B 47 -17.89 -34.43 7.03
N PRO B 48 -17.36 -35.58 6.60
CA PRO B 48 -16.24 -36.17 7.37
C PRO B 48 -14.95 -35.34 7.24
N ASP B 49 -14.34 -35.11 8.38
CA ASP B 49 -13.13 -34.26 8.45
C ASP B 49 -13.25 -32.79 7.99
N ALA B 50 -14.43 -32.20 8.15
CA ALA B 50 -14.58 -30.72 8.10
C ALA B 50 -13.96 -30.08 6.87
N PRO B 51 -14.39 -30.47 5.69
CA PRO B 51 -13.84 -29.85 4.47
C PRO B 51 -14.09 -28.33 4.30
N ILE B 52 -13.09 -27.61 3.78
CA ILE B 52 -13.29 -26.21 3.43
C ILE B 52 -14.20 -26.13 2.25
N VAL B 53 -15.28 -25.34 2.35
CA VAL B 53 -16.16 -25.04 1.22
C VAL B 53 -16.03 -23.59 0.75
N TYR B 54 -15.35 -22.74 1.52
CA TYR B 54 -15.12 -21.37 1.10
C TYR B 54 -14.00 -20.74 1.92
N ALA B 55 -13.23 -19.86 1.27
CA ALA B 55 -12.25 -19.05 1.97
C ALA B 55 -12.35 -17.65 1.38
N SER B 56 -12.11 -16.64 2.22
CA SER B 56 -12.21 -15.26 1.78
C SER B 56 -10.96 -14.84 1.00
N PRO B 57 -11.06 -13.76 0.22
CA PRO B 57 -9.80 -13.27 -0.36
C PRO B 57 -8.69 -12.94 0.70
N GLY B 58 -9.06 -12.50 1.89
CA GLY B 58 -8.04 -12.26 2.91
C GLY B 58 -7.25 -13.55 3.22
N PHE B 59 -7.94 -14.69 3.12
CA PHE B 59 -7.31 -15.96 3.42
C PHE B 59 -6.26 -16.31 2.39
N TYR B 60 -6.57 -16.11 1.11
CA TYR B 60 -5.64 -16.49 0.06
C TYR B 60 -4.47 -15.50 0.02
N GLN B 61 -4.75 -14.26 0.42
CA GLN B 61 -3.77 -13.20 0.41
C GLN B 61 -2.83 -13.45 1.58
N LEU B 62 -3.42 -13.88 2.69
CA LEU B 62 -2.64 -14.16 3.86
C LEU B 62 -1.73 -15.39 3.64
N THR B 63 -2.26 -16.44 3.02
CA THR B 63 -1.57 -17.72 3.03
C THR B 63 -0.81 -18.02 1.72
N GLY B 64 -1.10 -17.27 0.66
CA GLY B 64 -0.50 -17.59 -0.61
C GLY B 64 -1.21 -18.71 -1.37
N TYR B 65 -2.13 -19.44 -0.74
CA TYR B 65 -2.85 -20.52 -1.44
C TYR B 65 -3.91 -19.98 -2.39
N SER B 66 -4.41 -20.84 -3.27
CA SER B 66 -5.55 -20.47 -4.08
C SER B 66 -6.66 -21.47 -3.81
N ALA B 67 -7.85 -21.18 -4.32
CA ALA B 67 -9.05 -21.96 -4.05
C ALA B 67 -8.90 -23.43 -4.44
N PRO B 68 -8.52 -23.69 -5.71
CA PRO B 68 -8.41 -25.12 -6.06
C PRO B 68 -7.38 -25.91 -5.22
N GLU B 69 -6.36 -25.26 -4.67
CA GLU B 69 -5.35 -25.91 -3.83
C GLU B 69 -5.82 -26.28 -2.43
N ILE B 70 -6.91 -25.66 -1.96
CA ILE B 70 -7.36 -25.91 -0.59
C ILE B 70 -8.81 -26.39 -0.48
N MET B 71 -9.61 -26.21 -1.52
CA MET B 71 -11.03 -26.55 -1.42
C MET B 71 -11.19 -28.03 -1.11
N GLY B 72 -12.01 -28.32 -0.11
CA GLY B 72 -12.35 -29.69 0.22
C GLY B 72 -11.37 -30.35 1.18
N ARG B 73 -10.33 -29.61 1.56
CA ARG B 73 -9.35 -30.10 2.52
C ARG B 73 -9.66 -29.57 3.93
N ASN B 74 -9.13 -30.27 4.93
CA ASN B 74 -9.20 -29.85 6.30
C ASN B 74 -8.15 -28.75 6.53
N CYS B 75 -8.45 -27.77 7.38
CA CYS B 75 -7.53 -26.63 7.58
C CYS B 75 -6.21 -27.01 8.25
N ARG B 76 -6.04 -28.25 8.70
CA ARG B 76 -4.85 -28.61 9.42
C ARG B 76 -3.60 -28.60 8.52
N PHE B 77 -3.74 -28.62 7.19
CA PHE B 77 -2.58 -28.44 6.34
C PHE B 77 -1.82 -27.14 6.67
N LEU B 78 -2.52 -26.15 7.23
CA LEU B 78 -1.87 -24.90 7.70
C LEU B 78 -0.77 -25.14 8.75
N GLN B 79 -0.77 -26.31 9.39
CA GLN B 79 0.23 -26.57 10.42
C GLN B 79 1.50 -27.22 9.82
N ASN B 80 1.54 -27.34 8.49
CA ASN B 80 2.58 -28.10 7.84
C ASN B 80 3.42 -27.31 6.84
N SER B 81 4.71 -27.63 6.80
CA SER B 81 5.67 -27.05 5.87
C SER B 81 6.83 -27.99 5.69
N PRO B 82 7.43 -28.02 4.48
CA PRO B 82 8.66 -28.80 4.35
C PRO B 82 9.75 -28.38 5.37
N HIS B 83 9.65 -27.17 5.93
CA HIS B 83 10.70 -26.63 6.75
C HIS B 83 10.31 -26.62 8.20
N MET B 84 9.20 -27.24 8.55
CA MET B 84 8.79 -27.21 9.96
C MET B 84 9.73 -28.05 10.82
N PRO B 85 10.06 -27.52 12.01
CA PRO B 85 10.84 -28.29 12.98
C PRO B 85 10.09 -29.56 13.39
N PRO B 86 10.81 -30.58 13.89
CA PRO B 86 10.10 -31.74 14.42
C PRO B 86 9.44 -31.40 15.77
N PRO B 87 8.53 -32.28 16.26
CA PRO B 87 7.98 -32.17 17.62
C PRO B 87 9.06 -32.12 18.70
N SER B 91 1.22 -30.37 21.49
CA SER B 91 0.63 -29.33 20.64
C SER B 91 -0.68 -28.82 21.22
N ASP B 92 -0.59 -27.92 22.19
CA ASP B 92 -1.75 -27.58 23.00
C ASP B 92 -2.88 -26.90 22.21
N ALA B 93 -2.53 -25.94 21.35
CA ALA B 93 -3.51 -25.25 20.51
C ALA B 93 -4.28 -26.27 19.64
N VAL B 94 -3.53 -27.08 18.91
CA VAL B 94 -4.08 -28.17 18.10
C VAL B 94 -5.11 -29.01 18.85
N GLN B 95 -4.82 -29.35 20.10
CA GLN B 95 -5.74 -30.15 20.89
C GLN B 95 -6.93 -29.32 21.35
N GLU B 96 -6.67 -28.11 21.80
CA GLU B 96 -7.74 -27.21 22.22
C GLU B 96 -8.76 -27.03 21.08
N MET B 97 -8.26 -26.98 19.84
CA MET B 97 -9.16 -26.86 18.67
C MET B 97 -9.94 -28.15 18.41
N ARG B 98 -9.27 -29.29 18.37
CA ARG B 98 -9.97 -30.56 18.17
C ARG B 98 -11.08 -30.67 19.19
N ARG B 99 -10.74 -30.44 20.45
CA ARG B 99 -11.74 -30.65 21.49
C ARG B 99 -12.96 -29.73 21.40
N ALA B 100 -12.75 -28.46 21.04
CA ALA B 100 -13.85 -27.51 20.92
C ALA B 100 -14.76 -27.82 19.75
N ILE B 101 -14.18 -28.07 18.59
CA ILE B 101 -14.99 -28.36 17.41
C ILE B 101 -15.91 -29.53 17.69
N ARG B 102 -15.36 -30.52 18.39
CA ARG B 102 -16.14 -31.68 18.81
C ARG B 102 -17.32 -31.25 19.69
N ALA B 103 -17.06 -30.35 20.64
CA ALA B 103 -18.09 -29.90 21.57
C ALA B 103 -19.04 -28.85 20.99
N HIS B 104 -18.76 -28.40 19.77
CA HIS B 104 -19.45 -27.26 19.18
C HIS B 104 -19.24 -25.99 20.02
N GLN B 105 -18.01 -25.76 20.42
CA GLN B 105 -17.68 -24.62 21.23
C GLN B 105 -16.71 -23.69 20.53
N GLU B 106 -16.93 -22.40 20.69
CA GLU B 106 -15.98 -21.37 20.23
C GLU B 106 -14.65 -21.54 20.90
N VAL B 107 -13.59 -21.22 20.18
CA VAL B 107 -12.27 -21.23 20.75
C VAL B 107 -11.34 -20.29 20.01
N GLN B 108 -10.34 -19.82 20.73
CA GLN B 108 -9.35 -18.96 20.13
C GLN B 108 -7.98 -19.43 20.54
N VAL B 109 -7.02 -19.26 19.67
CA VAL B 109 -5.76 -19.93 19.79
C VAL B 109 -4.75 -19.13 19.01
N ARG B 110 -3.52 -19.11 19.49
CA ARG B 110 -2.44 -18.63 18.66
C ARG B 110 -1.64 -19.86 18.33
N ILE B 111 -1.09 -19.93 17.11
CA ILE B 111 -0.51 -21.16 16.62
C ILE B 111 0.38 -20.91 15.42
N VAL B 112 1.43 -21.69 15.36
CA VAL B 112 2.32 -21.52 14.24
C VAL B 112 1.66 -22.14 13.03
N ASN B 113 1.51 -21.33 11.97
CA ASN B 113 1.08 -21.83 10.68
C ASN B 113 2.09 -21.47 9.61
N TYR B 114 1.92 -22.03 8.43
CA TYR B 114 2.80 -21.77 7.32
C TYR B 114 2.00 -21.41 6.06
N LYS B 115 2.59 -20.56 5.23
CA LYS B 115 2.05 -20.22 3.92
C LYS B 115 2.45 -21.21 2.81
N LYS B 116 1.93 -20.98 1.61
CA LYS B 116 2.18 -21.91 0.52
C LYS B 116 3.69 -22.05 0.34
N ASN B 117 4.40 -20.92 0.31
CA ASN B 117 5.84 -20.92 0.09
C ASN B 117 6.70 -21.49 1.26
N GLY B 118 6.06 -22.00 2.32
CA GLY B 118 6.79 -22.75 3.33
C GLY B 118 7.18 -21.95 4.55
N THR B 119 6.98 -20.63 4.47
CA THR B 119 7.37 -19.70 5.52
C THR B 119 6.39 -19.66 6.71
N PRO B 120 6.93 -19.60 7.94
CA PRO B 120 6.05 -19.62 9.11
C PRO B 120 5.45 -18.28 9.46
N PHE B 121 4.25 -18.29 10.06
CA PHE B 121 3.67 -17.13 10.74
C PHE B 121 2.88 -17.54 11.95
N THR B 122 2.74 -16.62 12.89
CA THR B 122 1.87 -16.82 14.05
C THR B 122 0.44 -16.43 13.68
N ASN B 123 -0.48 -17.36 13.87
CA ASN B 123 -1.86 -17.12 13.47
C ASN B 123 -2.76 -17.02 14.69
N VAL B 124 -3.56 -15.95 14.80
CA VAL B 124 -4.64 -15.94 15.83
C VAL B 124 -5.96 -16.43 15.21
N VAL B 125 -6.35 -17.62 15.62
CA VAL B 125 -7.40 -18.36 14.93
C VAL B 125 -8.59 -18.48 15.84
N THR B 126 -9.74 -18.03 15.39
CA THR B 126 -10.94 -18.18 16.18
C THR B 126 -11.87 -19.06 15.34
N ILE B 127 -12.39 -20.09 15.95
CA ILE B 127 -13.29 -20.98 15.29
C ILE B 127 -14.60 -20.88 16.01
N LEU B 128 -15.65 -20.71 15.25
CA LEU B 128 -16.99 -20.71 15.82
C LEU B 128 -17.81 -21.79 15.13
N PRO B 129 -17.96 -22.95 15.76
CA PRO B 129 -18.67 -23.99 15.02
C PRO B 129 -20.13 -23.62 14.76
N LEU B 130 -20.69 -22.73 15.55
CA LEU B 130 -22.08 -22.35 15.35
C LEU B 130 -22.91 -23.63 15.34
N TRP B 131 -23.93 -23.68 14.48
CA TRP B 131 -24.87 -24.81 14.47
C TRP B 131 -25.39 -25.07 13.04
N ALA B 132 -26.29 -26.06 12.92
CA ALA B 132 -26.64 -26.65 11.64
C ALA B 132 -27.75 -25.92 10.86
N ASP B 133 -27.52 -25.78 9.55
CA ASP B 133 -28.54 -25.37 8.58
C ASP B 133 -29.78 -26.23 8.68
N PRO B 134 -30.94 -25.69 8.23
CA PRO B 134 -32.15 -26.51 8.02
C PRO B 134 -31.82 -27.73 7.17
N SER B 135 -30.99 -27.54 6.16
CA SER B 135 -30.59 -28.59 5.24
C SER B 135 -29.77 -29.70 5.94
N GLY B 136 -29.25 -29.41 7.13
CA GLY B 136 -28.44 -30.37 7.82
C GLY B 136 -26.95 -30.07 7.70
N HIS B 137 -26.59 -29.23 6.74
CA HIS B 137 -25.20 -28.79 6.64
C HIS B 137 -24.85 -27.97 7.89
N HIS B 138 -23.58 -28.02 8.30
CA HIS B 138 -23.16 -27.43 9.56
C HIS B 138 -21.87 -26.64 9.31
N PHE B 139 -22.04 -25.38 8.96
CA PHE B 139 -20.88 -24.61 8.55
C PHE B 139 -20.18 -23.88 9.71
N ALA B 140 -19.01 -24.36 10.08
CA ALA B 140 -18.19 -23.69 11.07
C ALA B 140 -17.37 -22.62 10.38
N VAL B 141 -17.09 -21.55 11.13
CA VAL B 141 -16.34 -20.44 10.62
C VAL B 141 -15.03 -20.28 11.32
N GLY B 142 -14.00 -20.00 10.55
CA GLY B 142 -12.73 -19.68 11.16
C GLY B 142 -12.18 -18.39 10.64
N LEU B 143 -11.74 -17.55 11.58
CA LEU B 143 -11.10 -16.29 11.27
C LEU B 143 -9.60 -16.41 11.61
N GLN B 144 -8.76 -16.06 10.64
CA GLN B 144 -7.30 -16.04 10.77
C GLN B 144 -6.75 -14.59 10.72
N ALA B 145 -5.60 -14.40 11.34
CA ALA B 145 -4.88 -13.13 11.33
C ALA B 145 -3.44 -13.38 11.74
N GLU B 146 -2.52 -12.86 10.93
CA GLU B 146 -1.10 -12.82 11.23
C GLU B 146 -0.86 -11.87 12.41
N LEU B 147 -0.41 -12.41 13.54
CA LEU B 147 -0.34 -11.69 14.81
C LEU B 147 -1.72 -11.20 15.20
N ALA C 2 36.08 -14.25 20.45
CA ALA C 2 34.70 -14.36 19.96
C ALA C 2 34.68 -14.56 18.45
N MET C 3 33.82 -15.47 18.04
CA MET C 3 33.79 -15.91 16.67
C MET C 3 32.74 -15.08 15.91
N ASP C 4 32.21 -14.02 16.53
CA ASP C 4 31.16 -13.28 15.82
C ASP C 4 31.70 -12.68 14.53
N GLY C 5 31.02 -13.00 13.45
CA GLY C 5 31.38 -12.40 12.19
C GLY C 5 32.37 -13.17 11.38
N ILE C 6 32.84 -14.34 11.85
CA ILE C 6 33.72 -15.15 10.97
C ILE C 6 32.98 -15.63 9.71
N TYR C 7 31.64 -15.68 9.70
CA TYR C 7 30.97 -16.17 8.47
C TYR C 7 30.39 -15.03 7.63
N SER C 8 30.75 -13.78 7.97
CA SER C 8 30.46 -12.62 7.09
C SER C 8 31.66 -11.68 7.02
N ALA C 9 32.50 -11.84 6.01
CA ALA C 9 33.66 -10.96 5.88
C ALA C 9 33.26 -9.48 5.73
N SER C 10 32.05 -9.21 5.21
CA SER C 10 31.59 -7.80 5.05
C SER C 10 30.99 -7.24 6.35
N GLY C 11 30.74 -8.11 7.33
CA GLY C 11 30.12 -7.67 8.58
C GLY C 11 28.62 -7.64 8.52
N ILE C 12 28.08 -7.68 7.30
CA ILE C 12 26.66 -7.54 7.08
C ILE C 12 25.99 -8.88 7.13
N ASP C 13 24.84 -8.94 7.78
CA ASP C 13 24.09 -10.19 7.89
C ASP C 13 23.15 -10.34 6.70
N VAL C 14 23.71 -10.57 5.53
CA VAL C 14 22.90 -10.64 4.33
C VAL C 14 21.82 -11.71 4.46
N MET C 15 22.18 -12.83 5.07
CA MET C 15 21.26 -13.92 5.03
C MET C 15 20.16 -13.67 6.08
N GLY C 16 20.48 -12.98 7.18
CA GLY C 16 19.43 -12.53 8.10
C GLY C 16 18.46 -11.50 7.45
N ILE C 17 19.02 -10.66 6.58
CA ILE C 17 18.24 -9.78 5.71
C ILE C 17 17.30 -10.59 4.80
N LEU C 18 17.85 -11.56 4.09
CA LEU C 18 17.04 -12.42 3.21
C LEU C 18 15.97 -13.18 3.96
N LEU C 19 16.30 -13.71 5.10
CA LEU C 19 15.32 -14.44 5.83
C LEU C 19 14.13 -13.55 6.23
N ARG C 20 14.40 -12.33 6.71
CA ARG C 20 13.31 -11.43 7.09
C ARG C 20 12.40 -11.18 5.88
N ILE C 21 13.06 -10.97 4.74
CA ILE C 21 12.38 -10.77 3.48
C ILE C 21 11.49 -11.96 3.13
N ALA C 22 12.04 -13.15 3.28
CA ALA C 22 11.34 -14.39 2.96
C ALA C 22 10.01 -14.45 3.69
N SER C 23 10.02 -14.03 4.95
CA SER C 23 8.86 -14.13 5.82
C SER C 23 8.08 -12.83 5.94
N ARG C 24 8.27 -11.91 5.00
CA ARG C 24 7.59 -10.61 5.08
C ARG C 24 6.07 -10.78 4.85
N PRO C 25 5.26 -9.96 5.54
CA PRO C 25 3.80 -9.88 5.34
C PRO C 25 3.36 -9.18 4.03
N ASN C 26 2.35 -9.78 3.41
CA ASN C 26 1.74 -9.28 2.16
C ASN C 26 2.67 -9.28 0.96
N PRO C 27 3.52 -10.32 0.85
CA PRO C 27 4.39 -10.39 -0.32
C PRO C 27 3.59 -10.20 -1.59
N THR C 28 4.25 -9.63 -2.58
CA THR C 28 3.66 -9.37 -3.87
C THR C 28 4.31 -10.24 -4.91
N ILE C 29 5.60 -10.50 -4.73
CA ILE C 29 6.31 -11.37 -5.64
C ILE C 29 6.72 -12.58 -4.85
N ASP C 30 6.71 -13.74 -5.49
CA ASP C 30 7.25 -14.96 -4.90
C ASP C 30 8.66 -15.09 -5.46
N LEU C 31 9.65 -14.94 -4.58
CA LEU C 31 11.04 -14.98 -5.01
C LEU C 31 11.37 -16.37 -5.55
N GLY C 32 10.81 -17.38 -4.88
CA GLY C 32 11.10 -18.78 -5.18
C GLY C 32 12.39 -19.19 -4.46
N PRO C 33 13.02 -20.27 -4.92
CA PRO C 33 14.25 -20.67 -4.22
C PRO C 33 15.44 -19.70 -4.45
N LEU C 34 16.23 -19.44 -3.41
CA LEU C 34 17.51 -18.74 -3.56
C LEU C 34 18.68 -19.61 -3.09
N ASP C 35 19.78 -19.63 -3.84
CA ASP C 35 21.04 -20.20 -3.31
C ASP C 35 22.22 -19.14 -3.21
N CYS C 36 23.42 -19.55 -2.78
CA CYS C 36 24.48 -18.57 -2.44
C CYS C 36 25.21 -17.99 -3.63
N SER C 37 24.83 -18.45 -4.78
CA SER C 37 25.29 -17.90 -6.04
C SER C 37 24.42 -16.70 -6.54
N VAL C 38 23.27 -16.47 -5.90
CA VAL C 38 22.33 -15.45 -6.38
C VAL C 38 23.06 -14.10 -6.54
N SER C 39 22.77 -13.37 -7.61
CA SER C 39 23.32 -12.03 -7.75
C SER C 39 22.49 -11.05 -6.90
N LEU C 40 23.17 -10.31 -6.03
CA LEU C 40 22.48 -9.52 -5.02
C LEU C 40 23.22 -8.23 -4.79
N THR C 41 22.47 -7.14 -4.71
CA THR C 41 23.01 -5.85 -4.30
C THR C 41 22.19 -5.34 -3.11
N LEU C 42 22.87 -4.61 -2.26
CA LEU C 42 22.26 -3.94 -1.15
C LEU C 42 22.63 -2.46 -1.31
N CYS C 43 21.60 -1.61 -1.28
CA CYS C 43 21.79 -0.18 -1.51
C CYS C 43 21.22 0.58 -0.33
N ASP C 44 21.95 1.59 0.13
CA ASP C 44 21.47 2.42 1.19
C ASP C 44 20.68 3.61 0.58
N ILE C 45 19.36 3.48 0.47
CA ILE C 45 18.61 4.53 -0.21
C ILE C 45 18.41 5.86 0.63
N SER C 46 18.85 5.87 1.89
CA SER C 46 19.02 7.11 2.69
C SER C 46 20.30 7.90 2.38
N LEU C 47 21.22 7.33 1.60
CA LEU C 47 22.42 8.04 1.21
C LEU C 47 22.25 8.54 -0.20
N PRO C 48 22.96 9.60 -0.54
CA PRO C 48 22.81 10.25 -1.85
C PRO C 48 22.96 9.30 -3.05
N ASP C 49 21.91 9.25 -3.87
CA ASP C 49 21.87 8.43 -5.08
C ASP C 49 21.99 6.90 -4.83
N ALA C 50 21.47 6.44 -3.69
CA ALA C 50 21.28 5.02 -3.41
C ALA C 50 22.49 4.15 -3.69
N PRO C 51 23.62 4.45 -3.04
CA PRO C 51 24.83 3.69 -3.39
C PRO C 51 24.79 2.21 -2.98
N ILE C 52 25.42 1.40 -3.80
CA ILE C 52 25.70 0.02 -3.43
C ILE C 52 26.65 -0.03 -2.21
N VAL C 53 26.22 -0.72 -1.16
CA VAL C 53 27.09 -0.93 0.00
C VAL C 53 27.54 -2.38 0.13
N TYR C 54 26.93 -3.25 -0.67
CA TYR C 54 27.30 -4.66 -0.76
C TYR C 54 26.79 -5.27 -2.06
N ALA C 55 27.66 -6.00 -2.75
CA ALA C 55 27.25 -6.88 -3.85
C ALA C 55 27.81 -8.30 -3.61
N SER C 56 26.98 -9.30 -3.91
CA SER C 56 27.36 -10.71 -3.70
C SER C 56 28.40 -11.20 -4.71
N PRO C 57 29.10 -12.32 -4.41
CA PRO C 57 29.89 -12.98 -5.45
C PRO C 57 29.10 -13.22 -6.77
N GLY C 58 27.88 -13.68 -6.63
CA GLY C 58 27.01 -13.86 -7.80
C GLY C 58 26.87 -12.57 -8.65
N PHE C 59 26.90 -11.38 -8.03
CA PHE C 59 26.75 -10.14 -8.82
C PHE C 59 28.01 -9.91 -9.64
N TYR C 60 29.17 -10.09 -9.03
CA TYR C 60 30.39 -9.91 -9.79
C TYR C 60 30.53 -10.98 -10.90
N GLN C 61 29.98 -12.16 -10.67
CA GLN C 61 30.04 -13.23 -11.66
C GLN C 61 29.03 -12.95 -12.79
N LEU C 62 27.86 -12.47 -12.43
CA LEU C 62 26.87 -12.17 -13.46
C LEU C 62 27.34 -10.99 -14.30
N THR C 63 27.82 -9.92 -13.68
CA THR C 63 28.04 -8.65 -14.40
C THR C 63 29.45 -8.50 -14.95
N GLY C 64 30.40 -9.25 -14.41
CA GLY C 64 31.80 -9.11 -14.77
C GLY C 64 32.57 -7.97 -14.12
N TYR C 65 31.90 -7.11 -13.33
CA TYR C 65 32.65 -6.09 -12.58
C TYR C 65 33.31 -6.65 -11.33
N SER C 66 34.15 -5.82 -10.72
CA SER C 66 34.77 -6.13 -9.44
C SER C 66 34.31 -5.10 -8.41
N ALA C 67 34.58 -5.37 -7.14
CA ALA C 67 33.99 -4.60 -6.08
C ALA C 67 34.31 -3.13 -6.19
N PRO C 68 35.59 -2.80 -6.42
CA PRO C 68 36.01 -1.39 -6.37
C PRO C 68 35.53 -0.59 -7.57
N GLU C 69 35.15 -1.30 -8.63
CA GLU C 69 34.53 -0.69 -9.80
C GLU C 69 33.07 -0.21 -9.54
N ILE C 70 32.35 -0.90 -8.63
CA ILE C 70 30.91 -0.67 -8.46
C ILE C 70 30.46 -0.19 -7.06
N MET C 71 31.25 -0.45 -6.04
CA MET C 71 30.89 -0.01 -4.71
C MET C 71 30.70 1.50 -4.60
N GLY C 72 29.65 1.92 -3.88
CA GLY C 72 29.36 3.32 -3.69
C GLY C 72 28.59 3.91 -4.87
N ARG C 73 28.39 3.11 -5.92
CA ARG C 73 27.73 3.59 -7.13
C ARG C 73 26.26 3.21 -7.13
N ASN C 74 25.48 4.00 -7.86
CA ASN C 74 24.09 3.66 -8.13
C ASN C 74 24.06 2.54 -9.14
N CYS C 75 23.08 1.67 -9.00
CA CYS C 75 22.92 0.49 -9.86
C CYS C 75 22.62 0.77 -11.35
N ARG C 76 22.31 2.01 -11.70
CA ARG C 76 21.85 2.30 -13.06
C ARG C 76 22.99 2.13 -14.09
N PHE C 77 24.24 2.12 -13.64
CA PHE C 77 25.32 1.94 -14.58
C PHE C 77 25.13 0.63 -15.36
N LEU C 78 24.28 -0.27 -14.86
CA LEU C 78 24.03 -1.55 -15.50
C LEU C 78 23.20 -1.39 -16.76
N GLN C 79 22.54 -0.25 -16.88
CA GLN C 79 21.74 0.01 -18.08
C GLN C 79 22.61 0.56 -19.20
N ASN C 80 23.90 0.78 -18.92
CA ASN C 80 24.80 1.44 -19.85
C ASN C 80 25.92 0.58 -20.41
N SER C 81 25.97 0.50 -21.73
CA SER C 81 27.14 0.02 -22.47
C SER C 81 27.83 1.25 -23.09
N PRO C 82 29.16 1.40 -22.88
CA PRO C 82 29.88 2.50 -23.56
C PRO C 82 29.90 2.33 -25.08
N HIS C 83 29.46 1.17 -25.54
CA HIS C 83 29.49 0.84 -26.95
C HIS C 83 28.08 0.72 -27.52
N MET C 84 27.11 1.33 -26.85
CA MET C 84 25.83 1.51 -27.51
C MET C 84 25.51 2.98 -27.68
N PRO C 85 24.61 3.26 -28.65
CA PRO C 85 24.12 4.62 -28.92
C PRO C 85 23.21 5.04 -27.80
N PRO C 86 23.05 6.35 -27.60
CA PRO C 86 22.19 6.78 -26.48
C PRO C 86 20.76 6.31 -26.66
N PRO C 87 19.97 6.32 -25.56
CA PRO C 87 18.57 5.91 -25.72
C PRO C 87 17.61 7.10 -25.90
N GLY C 88 16.64 6.90 -26.78
CA GLY C 88 15.34 7.56 -26.67
C GLY C 88 14.37 6.48 -26.22
N ARG C 89 14.67 5.27 -26.70
CA ARG C 89 14.01 4.03 -26.30
C ARG C 89 14.36 3.70 -24.84
N VAL C 90 13.66 4.33 -23.90
CA VAL C 90 13.86 4.07 -22.46
C VAL C 90 12.80 3.08 -21.97
N SER C 91 13.22 2.06 -21.22
CA SER C 91 12.26 1.05 -20.82
C SER C 91 11.31 1.65 -19.79
N ASP C 92 10.06 1.18 -19.81
CA ASP C 92 9.15 1.44 -18.72
C ASP C 92 9.72 0.83 -17.42
N ALA C 93 10.66 -0.09 -17.57
CA ALA C 93 11.25 -0.80 -16.43
C ALA C 93 11.91 0.21 -15.49
N VAL C 94 12.75 1.07 -16.06
CA VAL C 94 13.42 2.12 -15.31
C VAL C 94 12.47 2.95 -14.42
N GLN C 95 11.37 3.48 -14.97
CA GLN C 95 10.41 4.27 -14.18
C GLN C 95 9.73 3.45 -13.10
N GLU C 96 9.31 2.25 -13.50
CA GLU C 96 8.68 1.33 -12.54
C GLU C 96 9.64 1.12 -11.36
N MET C 97 10.92 0.84 -11.64
CA MET C 97 11.88 0.66 -10.55
C MET C 97 11.96 1.96 -9.73
N ARG C 98 12.07 3.09 -10.44
CA ARG C 98 12.23 4.40 -9.81
C ARG C 98 11.10 4.70 -8.86
N ARG C 99 9.90 4.38 -9.31
CA ARG C 99 8.68 4.75 -8.61
C ARG C 99 8.48 3.79 -7.47
N ALA C 100 8.82 2.54 -7.71
CA ALA C 100 8.68 1.54 -6.66
C ALA C 100 9.64 1.85 -5.51
N ILE C 101 10.88 2.16 -5.88
CA ILE C 101 11.93 2.43 -4.87
C ILE C 101 11.45 3.56 -4.00
N ARG C 102 10.90 4.59 -4.67
CA ARG C 102 10.42 5.81 -4.03
C ARG C 102 9.24 5.55 -3.07
N ALA C 103 8.34 4.65 -3.46
CA ALA C 103 7.24 4.27 -2.59
C ALA C 103 7.58 3.15 -1.57
N HIS C 104 8.84 2.74 -1.48
CA HIS C 104 9.20 1.57 -0.66
C HIS C 104 8.35 0.34 -1.01
N GLN C 105 8.10 0.15 -2.31
CA GLN C 105 7.31 -0.97 -2.76
C GLN C 105 8.18 -2.00 -3.44
N GLU C 106 7.88 -3.26 -3.16
CA GLU C 106 8.43 -4.39 -3.89
C GLU C 106 8.16 -4.13 -5.33
N VAL C 107 9.05 -4.59 -6.19
CA VAL C 107 8.85 -4.48 -7.60
C VAL C 107 9.66 -5.50 -8.32
N GLN C 108 9.13 -5.99 -9.41
CA GLN C 108 9.88 -6.92 -10.21
C GLN C 108 9.62 -6.60 -11.65
N VAL C 109 10.70 -6.36 -12.36
CA VAL C 109 10.64 -6.05 -13.77
C VAL C 109 11.74 -6.80 -14.47
N ARG C 110 11.68 -6.74 -15.79
CA ARG C 110 12.73 -7.30 -16.61
C ARG C 110 13.19 -6.15 -17.42
N ILE C 111 14.47 -6.13 -17.74
CA ILE C 111 15.04 -4.95 -18.32
C ILE C 111 16.35 -5.35 -18.92
N VAL C 112 16.84 -4.60 -19.89
CA VAL C 112 18.13 -4.91 -20.45
C VAL C 112 19.23 -4.24 -19.71
N ASN C 113 20.17 -5.04 -19.20
CA ASN C 113 21.44 -4.49 -18.75
C ASN C 113 22.62 -4.99 -19.57
N TYR C 114 23.78 -4.45 -19.21
CA TYR C 114 24.99 -4.70 -19.93
C TYR C 114 26.06 -5.15 -18.96
N LYS C 115 26.61 -6.33 -19.22
CA LYS C 115 27.77 -6.83 -18.48
C LYS C 115 28.89 -5.86 -18.74
N LYS C 116 29.98 -5.97 -18.01
CA LYS C 116 31.06 -5.04 -18.18
C LYS C 116 31.71 -5.16 -19.55
N ASN C 117 31.50 -6.28 -20.23
CA ASN C 117 32.04 -6.47 -21.59
C ASN C 117 31.05 -6.04 -22.70
N GLY C 118 29.93 -5.42 -22.34
CA GLY C 118 29.02 -4.87 -23.33
C GLY C 118 27.92 -5.79 -23.84
N THR C 119 27.84 -6.99 -23.30
CA THR C 119 26.82 -7.94 -23.73
C THR C 119 25.48 -7.66 -23.07
N PRO C 120 24.42 -7.54 -23.86
CA PRO C 120 23.14 -7.32 -23.19
C PRO C 120 22.60 -8.59 -22.54
N PHE C 121 21.84 -8.46 -21.46
CA PHE C 121 21.09 -9.58 -20.98
C PHE C 121 19.81 -9.14 -20.37
N THR C 122 18.81 -9.98 -20.55
CA THR C 122 17.53 -9.73 -19.96
C THR C 122 17.57 -10.05 -18.45
N ASN C 123 17.89 -9.02 -17.66
CA ASN C 123 18.06 -9.18 -16.24
C ASN C 123 16.71 -9.20 -15.58
N VAL C 124 16.39 -10.26 -14.83
CA VAL C 124 15.16 -10.20 -14.03
C VAL C 124 15.47 -9.67 -12.62
N VAL C 125 15.18 -8.37 -12.46
CA VAL C 125 15.53 -7.62 -11.27
C VAL C 125 14.36 -7.52 -10.38
N THR C 126 14.57 -7.85 -9.13
CA THR C 126 13.55 -7.66 -8.10
C THR C 126 14.12 -6.76 -7.02
N ILE C 127 13.36 -5.76 -6.59
CA ILE C 127 13.83 -4.86 -5.57
C ILE C 127 12.87 -4.90 -4.41
N LEU C 128 13.43 -5.16 -3.24
CA LEU C 128 12.64 -5.21 -2.03
C LEU C 128 13.11 -4.17 -1.01
N PRO C 129 12.17 -3.57 -0.26
CA PRO C 129 12.44 -2.65 0.83
C PRO C 129 12.81 -3.34 2.14
N LEU C 130 13.70 -2.72 2.92
CA LEU C 130 13.95 -3.12 4.30
C LEU C 130 13.33 -2.11 5.27
N TRP C 131 13.41 -2.41 6.56
CA TRP C 131 13.03 -1.46 7.61
C TRP C 131 14.29 -0.71 8.12
N ALA C 132 14.09 0.50 8.64
CA ALA C 132 15.20 1.31 9.15
C ALA C 132 16.08 0.51 10.12
N ASP C 133 17.33 0.29 9.73
CA ASP C 133 18.30 -0.45 10.55
C ASP C 133 18.60 0.35 11.81
N PRO C 134 19.28 -0.28 12.78
CA PRO C 134 19.72 0.46 13.98
C PRO C 134 20.30 1.83 13.60
N SER C 135 20.64 1.97 12.31
CA SER C 135 21.13 3.22 11.73
C SER C 135 20.04 4.31 11.57
N GLY C 136 18.81 3.90 11.27
CA GLY C 136 17.76 4.85 10.91
C GLY C 136 17.70 4.96 9.40
N HIS C 137 18.57 4.18 8.75
CA HIS C 137 18.73 4.14 7.32
C HIS C 137 17.85 3.06 6.71
N HIS C 138 17.20 3.39 5.61
CA HIS C 138 16.41 2.45 4.82
C HIS C 138 17.29 1.83 3.73
N PHE C 139 17.16 0.53 3.52
CA PHE C 139 17.92 -0.15 2.47
C PHE C 139 16.98 -0.80 1.45
N ALA C 140 17.56 -1.16 0.33
CA ALA C 140 16.87 -1.86 -0.71
C ALA C 140 17.76 -3.00 -1.08
N VAL C 141 17.15 -4.16 -1.25
CA VAL C 141 17.83 -5.36 -1.71
C VAL C 141 17.37 -5.62 -3.10
N GLY C 142 18.32 -5.73 -4.00
CA GLY C 142 18.06 -6.15 -5.35
C GLY C 142 18.62 -7.54 -5.64
N LEU C 143 17.81 -8.33 -6.36
CA LEU C 143 18.20 -9.63 -6.85
C LEU C 143 18.19 -9.55 -8.35
N GLN C 144 19.34 -9.83 -8.95
CA GLN C 144 19.48 -9.91 -10.40
C GLN C 144 19.64 -11.40 -10.85
N ALA C 145 19.35 -11.65 -12.13
CA ALA C 145 19.65 -12.92 -12.82
C ALA C 145 19.37 -12.79 -14.31
N GLU C 146 20.25 -13.33 -15.15
CA GLU C 146 20.07 -13.36 -16.58
C GLU C 146 18.66 -13.90 -17.00
N GLY D 1 -8.08 -7.92 26.88
CA GLY D 1 -7.07 -8.04 25.84
C GLY D 1 -7.21 -7.11 24.64
N ALA D 2 -6.12 -6.97 23.89
CA ALA D 2 -6.28 -6.41 22.57
C ALA D 2 -5.89 -7.40 21.49
N MET D 3 -6.75 -8.41 21.34
CA MET D 3 -6.95 -9.02 20.03
C MET D 3 -8.12 -8.27 19.35
N ASP D 4 -8.55 -7.19 20.00
CA ASP D 4 -9.63 -6.36 19.48
C ASP D 4 -9.27 -5.70 18.14
N GLY D 5 -9.91 -6.13 17.06
CA GLY D 5 -9.68 -5.50 15.77
C GLY D 5 -8.61 -6.13 14.90
N ILE D 6 -8.07 -7.29 15.33
CA ILE D 6 -7.22 -8.10 14.45
C ILE D 6 -7.96 -8.56 13.19
N TYR D 7 -9.28 -8.70 13.29
CA TYR D 7 -10.04 -9.20 12.13
C TYR D 7 -10.61 -8.05 11.30
N SER D 8 -10.14 -6.82 11.59
CA SER D 8 -10.44 -5.64 10.79
C SER D 8 -9.22 -4.75 10.59
N ALA D 9 -8.60 -4.87 9.43
CA ALA D 9 -7.43 -4.07 9.08
C ALA D 9 -7.72 -2.56 9.02
N SER D 10 -8.98 -2.17 8.88
CA SER D 10 -9.33 -0.77 8.70
C SER D 10 -9.93 -0.19 9.97
N GLY D 11 -10.24 -1.03 10.96
CA GLY D 11 -10.94 -0.59 12.15
C GLY D 11 -12.46 -0.47 12.04
N ILE D 12 -12.99 -0.35 10.82
CA ILE D 12 -14.44 -0.31 10.64
C ILE D 12 -15.07 -1.69 10.91
N ASP D 13 -16.23 -1.69 11.58
CA ASP D 13 -16.91 -2.92 11.80
C ASP D 13 -18.00 -3.07 10.74
N VAL D 14 -17.61 -3.60 9.59
CA VAL D 14 -18.58 -3.90 8.54
C VAL D 14 -19.72 -4.77 9.07
N MET D 15 -19.40 -5.67 9.99
CA MET D 15 -20.37 -6.51 10.66
C MET D 15 -21.56 -5.72 11.24
N GLY D 16 -21.25 -4.63 11.93
CA GLY D 16 -22.30 -3.78 12.47
C GLY D 16 -23.19 -3.30 11.36
N ILE D 17 -22.56 -3.00 10.22
CA ILE D 17 -23.28 -2.56 9.03
C ILE D 17 -24.25 -3.64 8.58
N LEU D 18 -23.83 -4.91 8.66
CA LEU D 18 -24.69 -6.03 8.27
C LEU D 18 -25.91 -6.18 9.17
N LEU D 19 -25.71 -5.99 10.47
CA LEU D 19 -26.80 -6.08 11.44
C LEU D 19 -27.86 -5.04 11.08
N ARG D 20 -27.42 -3.80 10.83
CA ARG D 20 -28.33 -2.73 10.40
C ARG D 20 -29.07 -3.12 9.12
N ILE D 21 -28.36 -3.71 8.16
CA ILE D 21 -29.03 -4.06 6.91
C ILE D 21 -30.20 -5.05 7.11
N ALA D 22 -30.00 -6.05 7.98
CA ALA D 22 -31.01 -7.09 8.23
C ALA D 22 -32.26 -6.58 8.96
N SER D 23 -32.02 -5.78 10.00
CA SER D 23 -33.05 -5.35 10.93
C SER D 23 -33.97 -4.32 10.31
N ARG D 24 -33.43 -3.61 9.32
CA ARG D 24 -34.08 -2.43 8.78
C ARG D 24 -35.57 -2.64 8.49
N PRO D 25 -36.35 -1.52 8.52
CA PRO D 25 -37.79 -1.46 8.29
C PRO D 25 -38.08 -1.04 6.86
N ASN D 26 -39.30 -1.31 6.37
CA ASN D 26 -39.65 -0.90 5.02
C ASN D 26 -38.70 -1.56 4.00
N PRO D 27 -38.22 -2.80 4.28
CA PRO D 27 -37.42 -3.47 3.23
C PRO D 27 -38.09 -3.42 1.88
N THR D 28 -37.32 -3.03 0.87
CA THR D 28 -37.82 -2.83 -0.48
C THR D 28 -36.99 -3.64 -1.46
N ILE D 29 -35.73 -3.85 -1.12
CA ILE D 29 -34.84 -4.58 -2.00
C ILE D 29 -34.24 -5.75 -1.26
N ASP D 30 -34.18 -6.89 -1.93
CA ASP D 30 -33.57 -8.09 -1.36
C ASP D 30 -32.18 -8.20 -1.97
N LEU D 31 -31.15 -8.16 -1.13
CA LEU D 31 -29.78 -8.21 -1.61
C LEU D 31 -29.41 -9.60 -2.14
N GLY D 32 -30.04 -10.61 -1.59
CA GLY D 32 -29.61 -11.97 -1.85
C GLY D 32 -28.32 -12.26 -1.09
N PRO D 33 -27.56 -13.25 -1.55
CA PRO D 33 -26.29 -13.55 -0.88
C PRO D 33 -25.16 -12.54 -1.15
N LEU D 34 -24.44 -12.18 -0.08
CA LEU D 34 -23.18 -11.48 -0.20
C LEU D 34 -22.03 -12.38 0.23
N ASP D 35 -20.92 -12.34 -0.50
CA ASP D 35 -19.69 -12.89 0.06
C ASP D 35 -18.60 -11.82 0.26
N CYS D 36 -17.39 -12.24 0.58
CA CYS D 36 -16.34 -11.32 1.00
C CYS D 36 -15.57 -10.76 -0.13
N SER D 37 -15.92 -11.17 -1.35
CA SER D 37 -15.39 -10.51 -2.53
C SER D 37 -16.31 -9.36 -2.97
N VAL D 38 -17.40 -9.14 -2.23
CA VAL D 38 -18.39 -8.15 -2.66
C VAL D 38 -17.79 -6.74 -2.74
N SER D 39 -18.21 -5.98 -3.75
CA SER D 39 -17.77 -4.63 -3.84
C SER D 39 -18.74 -3.81 -3.00
N LEU D 40 -18.18 -3.06 -2.05
CA LEU D 40 -18.97 -2.43 -1.00
C LEU D 40 -18.37 -1.11 -0.61
N THR D 41 -19.16 -0.06 -0.64
CA THR D 41 -18.69 1.22 -0.14
C THR D 41 -19.50 1.66 1.06
N LEU D 42 -18.84 2.36 1.99
CA LEU D 42 -19.54 3.09 3.05
C LEU D 42 -19.29 4.59 2.85
N CYS D 43 -20.37 5.35 2.81
CA CYS D 43 -20.25 6.80 2.64
C CYS D 43 -20.89 7.48 3.83
N ASP D 44 -20.22 8.52 4.36
CA ASP D 44 -20.82 9.33 5.40
C ASP D 44 -21.66 10.49 4.84
N ILE D 45 -22.96 10.27 4.66
CA ILE D 45 -23.80 11.30 4.05
C ILE D 45 -24.11 12.51 4.96
N SER D 46 -23.62 12.50 6.21
CA SER D 46 -23.76 13.67 7.07
C SER D 46 -22.58 14.63 6.89
N LEU D 47 -21.65 14.28 6.01
CA LEU D 47 -20.44 15.06 5.73
C LEU D 47 -20.51 15.63 4.33
N PRO D 48 -19.86 16.77 4.09
CA PRO D 48 -19.97 17.41 2.78
C PRO D 48 -19.78 16.46 1.60
N ASP D 49 -20.74 16.44 0.69
CA ASP D 49 -20.70 15.64 -0.52
C ASP D 49 -20.48 14.11 -0.31
N ALA D 50 -20.95 13.58 0.83
CA ALA D 50 -21.12 12.15 1.00
C ALA D 50 -19.84 11.32 0.69
N PRO D 51 -18.77 11.57 1.45
CA PRO D 51 -17.47 10.93 1.19
C PRO D 51 -17.43 9.45 1.53
N ILE D 52 -16.74 8.70 0.68
CA ILE D 52 -16.37 7.33 0.99
C ILE D 52 -15.48 7.31 2.22
N VAL D 53 -15.85 6.50 3.21
CA VAL D 53 -15.07 6.31 4.42
C VAL D 53 -14.56 4.88 4.49
N TYR D 54 -14.96 4.06 3.54
CA TYR D 54 -14.59 2.66 3.46
C TYR D 54 -14.98 2.08 2.13
N ALA D 55 -14.02 1.42 1.48
CA ALA D 55 -14.30 0.53 0.37
C ALA D 55 -13.69 -0.83 0.66
N SER D 56 -14.41 -1.88 0.31
CA SER D 56 -13.95 -3.26 0.40
C SER D 56 -12.97 -3.60 -0.71
N PRO D 57 -12.18 -4.66 -0.50
CA PRO D 57 -11.24 -5.15 -1.52
C PRO D 57 -11.90 -5.42 -2.82
N GLY D 58 -13.10 -5.99 -2.73
CA GLY D 58 -13.87 -6.25 -3.92
C GLY D 58 -14.13 -4.98 -4.73
N PHE D 59 -14.15 -3.84 -4.06
CA PHE D 59 -14.36 -2.58 -4.76
C PHE D 59 -13.09 -2.22 -5.53
N TYR D 60 -11.94 -2.32 -4.87
CA TYR D 60 -10.65 -2.09 -5.52
C TYR D 60 -10.38 -3.09 -6.66
N GLN D 61 -10.94 -4.29 -6.55
CA GLN D 61 -10.76 -5.29 -7.58
C GLN D 61 -11.67 -4.97 -8.75
N LEU D 62 -12.92 -4.62 -8.46
CA LEU D 62 -13.89 -4.35 -9.52
C LEU D 62 -13.54 -3.11 -10.35
N THR D 63 -12.96 -2.10 -9.71
CA THR D 63 -12.74 -0.80 -10.35
C THR D 63 -11.27 -0.61 -10.72
N GLY D 64 -10.39 -1.23 -9.92
CA GLY D 64 -8.96 -1.16 -10.16
C GLY D 64 -8.31 0.02 -9.51
N TYR D 65 -9.11 0.89 -8.89
CA TYR D 65 -8.54 2.01 -8.15
C TYR D 65 -8.00 1.49 -6.85
N SER D 66 -7.39 2.38 -6.08
CA SER D 66 -6.77 2.03 -4.82
C SER D 66 -7.19 3.04 -3.74
N ALA D 67 -7.03 2.66 -2.48
CA ALA D 67 -7.63 3.45 -1.43
C ALA D 67 -7.33 4.95 -1.55
N PRO D 68 -6.05 5.36 -1.47
CA PRO D 68 -5.78 6.80 -1.41
C PRO D 68 -6.28 7.50 -2.68
N GLU D 69 -6.56 6.71 -3.70
CA GLU D 69 -7.12 7.26 -4.92
C GLU D 69 -8.59 7.68 -4.78
N ILE D 70 -9.38 6.90 -4.04
CA ILE D 70 -10.83 7.14 -3.96
C ILE D 70 -11.31 7.60 -2.60
N MET D 71 -10.54 7.37 -1.55
CA MET D 71 -11.03 7.69 -0.21
C MET D 71 -11.42 9.15 -0.10
N GLY D 72 -12.49 9.43 0.66
CA GLY D 72 -12.94 10.79 0.87
C GLY D 72 -13.67 11.36 -0.34
N ARG D 73 -13.65 10.67 -1.47
CA ARG D 73 -14.38 11.14 -2.63
C ARG D 73 -15.86 10.75 -2.56
N ASN D 74 -16.63 11.37 -3.45
CA ASN D 74 -18.00 11.00 -3.73
C ASN D 74 -17.99 9.92 -4.78
N CYS D 75 -18.83 8.91 -4.59
CA CYS D 75 -18.91 7.81 -5.52
C CYS D 75 -19.19 8.17 -6.98
N ARG D 76 -19.75 9.36 -7.24
CA ARG D 76 -20.18 9.66 -8.61
C ARG D 76 -19.04 9.62 -9.64
N PHE D 77 -17.78 9.72 -9.22
CA PHE D 77 -16.70 9.68 -10.20
C PHE D 77 -16.84 8.46 -11.14
N LEU D 78 -17.20 7.30 -10.60
CA LEU D 78 -17.32 6.10 -11.41
C LEU D 78 -18.19 6.33 -12.65
N GLN D 79 -18.91 7.44 -12.69
CA GLN D 79 -19.76 7.73 -13.86
C GLN D 79 -19.03 8.39 -15.02
N ASN D 80 -17.84 8.94 -14.78
CA ASN D 80 -17.19 9.76 -15.80
C ASN D 80 -15.95 9.09 -16.42
N SER D 81 -15.69 9.43 -17.69
CA SER D 81 -14.48 8.99 -18.41
C SER D 81 -13.20 9.55 -17.77
N SER D 91 -28.36 8.01 -17.40
CA SER D 91 -28.45 9.31 -16.76
C SER D 91 -29.71 9.46 -15.89
N ASP D 92 -30.77 8.70 -16.17
CA ASP D 92 -31.94 8.65 -15.26
C ASP D 92 -31.59 7.95 -13.93
N ALA D 93 -30.57 7.11 -13.97
CA ALA D 93 -30.16 6.35 -12.79
C ALA D 93 -29.52 7.28 -11.76
N VAL D 94 -28.74 8.23 -12.23
CA VAL D 94 -28.04 9.11 -11.31
C VAL D 94 -29.06 9.98 -10.54
N GLN D 95 -30.03 10.54 -11.25
CA GLN D 95 -31.07 11.31 -10.60
C GLN D 95 -31.86 10.49 -9.60
N GLU D 96 -32.12 9.23 -9.95
CA GLU D 96 -32.85 8.34 -9.06
C GLU D 96 -32.02 8.00 -7.79
N MET D 97 -30.70 7.96 -7.91
CA MET D 97 -29.85 7.76 -6.74
C MET D 97 -29.85 9.00 -5.85
N ARG D 98 -29.63 10.16 -6.46
CA ARG D 98 -29.66 11.45 -5.76
C ARG D 98 -30.93 11.60 -4.90
N ARG D 99 -32.08 11.39 -5.54
CA ARG D 99 -33.36 11.55 -4.85
C ARG D 99 -33.58 10.51 -3.77
N ALA D 100 -33.23 9.27 -4.07
CA ALA D 100 -33.38 8.21 -3.10
C ALA D 100 -32.52 8.50 -1.87
N ILE D 101 -31.26 8.88 -2.09
CA ILE D 101 -30.39 9.21 -0.99
C ILE D 101 -30.97 10.38 -0.20
N ARG D 102 -31.36 11.43 -0.89
CA ARG D 102 -31.95 12.59 -0.23
C ARG D 102 -33.16 12.13 0.62
N ALA D 103 -33.93 11.16 0.11
CA ALA D 103 -35.10 10.66 0.83
C ALA D 103 -34.79 9.55 1.82
N HIS D 104 -33.51 9.23 2.00
CA HIS D 104 -33.11 8.13 2.88
C HIS D 104 -33.85 6.81 2.51
N GLN D 105 -34.09 6.62 1.22
CA GLN D 105 -34.81 5.46 0.71
C GLN D 105 -33.88 4.56 -0.13
N GLU D 106 -33.95 3.26 0.10
CA GLU D 106 -33.13 2.31 -0.65
C GLU D 106 -33.40 2.46 -2.11
N VAL D 107 -32.43 2.10 -2.92
CA VAL D 107 -32.61 2.19 -4.34
C VAL D 107 -31.64 1.26 -5.03
N GLN D 108 -32.03 0.77 -6.20
CA GLN D 108 -31.18 -0.09 -7.01
C GLN D 108 -31.33 0.24 -8.48
N VAL D 109 -30.19 0.45 -9.15
CA VAL D 109 -30.16 0.83 -10.54
C VAL D 109 -29.00 0.19 -11.28
N ARG D 110 -29.03 0.31 -12.60
CA ARG D 110 -27.89 -0.03 -13.42
C ARG D 110 -27.45 1.26 -14.08
N ILE D 111 -26.17 1.41 -14.23
CA ILE D 111 -25.63 2.67 -14.66
C ILE D 111 -24.21 2.41 -15.16
N VAL D 112 -23.85 2.96 -16.30
CA VAL D 112 -22.48 2.73 -16.77
C VAL D 112 -21.51 3.40 -15.83
N ASN D 113 -20.51 2.64 -15.39
CA ASN D 113 -19.38 3.20 -14.67
C ASN D 113 -18.13 2.81 -15.43
N TYR D 114 -17.00 3.35 -15.01
CA TYR D 114 -15.72 3.21 -15.73
C TYR D 114 -14.61 2.78 -14.77
N LYS D 115 -13.79 1.81 -15.17
CA LYS D 115 -12.60 1.39 -14.40
C LYS D 115 -11.50 2.45 -14.52
N LYS D 116 -10.37 2.23 -13.85
CA LYS D 116 -9.23 3.13 -14.07
C LYS D 116 -8.64 2.88 -15.46
N ASN D 117 -9.26 1.93 -16.18
CA ASN D 117 -8.95 1.63 -17.57
C ASN D 117 -9.68 2.58 -18.52
N GLY D 118 -10.97 2.72 -18.28
CA GLY D 118 -11.86 3.39 -19.21
C GLY D 118 -12.85 2.33 -19.68
N THR D 119 -12.55 1.09 -19.35
CA THR D 119 -13.47 0.03 -19.65
C THR D 119 -14.78 0.43 -19.00
N PRO D 120 -15.87 0.43 -19.77
CA PRO D 120 -17.18 0.67 -19.16
C PRO D 120 -17.85 -0.62 -18.72
N PHE D 121 -18.36 -0.64 -17.50
CA PHE D 121 -19.21 -1.74 -17.10
C PHE D 121 -20.59 -1.30 -16.67
N THR D 122 -21.52 -2.23 -16.79
CA THR D 122 -22.87 -2.03 -16.31
C THR D 122 -22.90 -2.42 -14.84
N ASN D 123 -22.77 -1.40 -13.99
CA ASN D 123 -22.69 -1.59 -12.56
C ASN D 123 -24.10 -1.73 -12.05
N VAL D 124 -24.40 -2.79 -11.31
CA VAL D 124 -25.69 -2.86 -10.57
C VAL D 124 -25.47 -2.32 -9.14
N VAL D 125 -25.78 -1.04 -8.96
CA VAL D 125 -25.48 -0.33 -7.73
C VAL D 125 -26.67 -0.35 -6.82
N THR D 126 -26.53 -0.89 -5.61
CA THR D 126 -27.59 -0.83 -4.60
C THR D 126 -27.17 0.11 -3.46
N ILE D 127 -28.03 1.06 -3.12
CA ILE D 127 -27.74 2.02 -2.06
C ILE D 127 -28.76 1.90 -0.95
N LEU D 128 -28.26 1.66 0.25
CA LEU D 128 -29.06 1.60 1.45
C LEU D 128 -28.59 2.76 2.30
N PRO D 129 -29.31 3.87 2.25
CA PRO D 129 -28.94 5.06 3.05
C PRO D 129 -28.95 4.72 4.52
N LEU D 130 -29.76 3.71 4.89
CA LEU D 130 -29.91 3.35 6.31
C LEU D 130 -30.33 4.60 7.10
N TRP D 131 -29.71 4.84 8.26
CA TRP D 131 -30.15 5.96 9.09
C TRP D 131 -29.02 6.51 9.93
N ALA D 132 -29.19 7.76 10.36
CA ALA D 132 -28.21 8.40 11.23
C ALA D 132 -28.26 7.73 12.61
N ASP D 133 -27.10 7.60 13.21
CA ASP D 133 -27.01 7.24 14.60
C ASP D 133 -26.84 8.52 15.46
N PRO D 134 -26.89 8.38 16.81
CA PRO D 134 -26.76 9.48 17.76
C PRO D 134 -25.65 10.51 17.51
N SER D 135 -24.47 10.10 17.07
CA SER D 135 -23.40 11.08 16.86
C SER D 135 -23.76 12.03 15.72
N GLY D 136 -24.84 11.70 14.99
CA GLY D 136 -25.26 12.50 13.86
C GLY D 136 -24.57 12.09 12.56
N HIS D 137 -23.55 11.26 12.68
CA HIS D 137 -22.93 10.67 11.50
C HIS D 137 -23.93 9.73 10.88
N HIS D 138 -23.81 9.50 9.59
CA HIS D 138 -24.85 8.77 8.88
C HIS D 138 -24.25 7.94 7.73
N PHE D 139 -23.97 6.67 8.00
CA PHE D 139 -23.26 5.86 7.04
C PHE D 139 -24.24 5.10 6.11
N ALA D 140 -24.27 5.51 4.85
CA ALA D 140 -25.01 4.79 3.81
C ALA D 140 -24.09 3.71 3.25
N VAL D 141 -24.67 2.57 2.87
CA VAL D 141 -23.91 1.50 2.27
C VAL D 141 -24.32 1.31 0.81
N GLY D 142 -23.29 1.11 0.00
CA GLY D 142 -23.41 0.84 -1.42
C GLY D 142 -22.77 -0.47 -1.81
N LEU D 143 -23.48 -1.19 -2.67
CA LEU D 143 -23.03 -2.44 -3.22
C LEU D 143 -22.90 -2.31 -4.73
N GLN D 144 -21.70 -2.54 -5.26
CA GLN D 144 -21.46 -2.56 -6.68
C GLN D 144 -21.26 -4.00 -7.21
N ALA D 145 -21.63 -4.22 -8.46
CA ALA D 145 -21.39 -5.53 -9.10
C ALA D 145 -21.49 -5.43 -10.60
N GLU D 146 -20.45 -5.90 -11.30
CA GLU D 146 -20.42 -5.90 -12.76
C GLU D 146 -21.28 -7.00 -13.35
N LEU D 147 -22.44 -6.62 -13.85
CA LEU D 147 -23.44 -7.55 -14.38
C LEU D 147 -22.88 -8.50 -15.44
#